data_2EUQ
#
_entry.id   2EUQ
#
_cell.length_a   43.74
_cell.length_b   73.86
_cell.length_c   104.96
_cell.angle_alpha   90
_cell.angle_beta   90
_cell.angle_gamma   90
#
_symmetry.space_group_name_H-M   'P 21 21 21'
#
loop_
_entity.id
_entity.type
_entity.pdbx_description
1 polymer 'cytochrome c peroxidase'
2 non-polymer 'PROTOPORPHYRIN IX CONTAINING FE'
3 non-polymer 1-THIEN-3-YLMETHANAMINE
4 water water
#
_entity_poly.entity_id   1
_entity_poly.type   'polypeptide(L)'
_entity_poly.pdbx_seq_one_letter_code
;MKTLVHVASVEKGRSYEDFQKVYNAIALKLREDDEYDNYIGYGPVLVRLAWHISGTWDKHDNTGGSYGGTYRFKKEFNDP
SNAGLQNGFKFLEPIHKEFPWISSGDLFSLGGVTAVQEMQGPKIPWRCGRVDTPEDTTPDNGRLPDADKDAGYVRTFFQR
LNMNDREVVALMGAHALGKTHLKNSGYEGPGGAANNVFTNEFYLNLLNEDWKLEKNDANNEQWDSKSGYMMLPTDYSLIQ
DPKYLSIVKEYANDQDKFFKDFSKAFEKLLENGITFPKDAPSPFIFKTLEEQGL
;
_entity_poly.pdbx_strand_id   A
#
loop_
_chem_comp.id
_chem_comp.type
_chem_comp.name
_chem_comp.formula
BVC non-polymer 1-THIEN-3-YLMETHANAMINE 'C5 H7 N S'
HEM non-polymer 'PROTOPORPHYRIN IX CONTAINING FE' 'C34 H32 Fe N4 O4'
#
# COMPACT_ATOMS: atom_id res chain seq x y z
N THR A 3 -3.39 -3.48 -28.29
CA THR A 3 -3.26 -3.80 -26.83
C THR A 3 -1.87 -3.44 -26.29
N LEU A 4 -1.84 -2.89 -25.08
CA LEU A 4 -0.58 -2.53 -24.40
C LEU A 4 -0.21 -3.65 -23.42
N VAL A 5 0.91 -4.31 -23.66
CA VAL A 5 1.36 -5.41 -22.80
C VAL A 5 2.67 -5.02 -22.14
N HIS A 6 2.80 -5.34 -20.84
CA HIS A 6 4.03 -5.15 -20.11
C HIS A 6 4.53 -6.50 -19.64
N VAL A 7 5.59 -6.99 -20.25
CA VAL A 7 6.17 -8.28 -19.91
C VAL A 7 7.28 -8.09 -18.88
N ALA A 8 7.18 -8.79 -17.77
CA ALA A 8 8.20 -8.73 -16.74
C ALA A 8 9.53 -9.19 -17.33
N SER A 9 10.59 -8.43 -17.08
CA SER A 9 11.92 -8.72 -17.58
C SER A 9 12.89 -8.60 -16.39
N VAL A 10 13.41 -9.72 -15.94
CA VAL A 10 14.28 -9.77 -14.78
C VAL A 10 15.52 -8.90 -15.02
N GLU A 11 15.84 -8.04 -14.05
CA GLU A 11 17.06 -7.24 -14.12
C GLU A 11 18.22 -8.18 -14.41
N LYS A 12 19.03 -7.84 -15.42
CA LYS A 12 19.93 -8.83 -16.00
C LYS A 12 20.92 -9.39 -14.99
N GLY A 13 20.94 -10.71 -14.87
CA GLY A 13 21.84 -11.45 -14.01
C GLY A 13 21.45 -11.52 -12.54
N ARG A 14 20.26 -11.03 -12.20
CA ARG A 14 19.87 -10.94 -10.79
C ARG A 14 18.99 -12.11 -10.40
N SER A 15 19.11 -12.52 -9.16
CA SER A 15 18.35 -13.63 -8.62
C SER A 15 17.87 -13.28 -7.21
N TYR A 16 17.18 -14.22 -6.59
CA TYR A 16 16.58 -14.03 -5.28
C TYR A 16 17.51 -13.34 -4.29
N GLU A 17 18.75 -13.79 -4.20
CA GLU A 17 19.68 -13.30 -3.22
C GLU A 17 19.97 -11.80 -3.41
N ASP A 18 20.04 -11.34 -4.66
CA ASP A 18 20.22 -9.93 -4.94
C ASP A 18 19.06 -9.11 -4.37
N PHE A 19 17.83 -9.58 -4.60
CA PHE A 19 16.66 -8.87 -4.10
C PHE A 19 16.53 -8.94 -2.58
N GLN A 20 16.95 -10.05 -1.98
CA GLN A 20 16.96 -10.14 -0.52
C GLN A 20 17.88 -9.07 0.06
N LYS A 21 18.97 -8.75 -0.62
CA LYS A 21 19.87 -7.69 -0.17
C LYS A 21 19.21 -6.33 -0.21
N VAL A 22 18.38 -6.09 -1.22
CA VAL A 22 17.63 -4.82 -1.31
C VAL A 22 16.59 -4.77 -0.18
N TYR A 23 15.85 -5.85 0.01
CA TYR A 23 14.92 -5.98 1.13
C TYR A 23 15.66 -5.64 2.44
N ASN A 24 16.83 -6.23 2.64
CA ASN A 24 17.54 -6.06 3.90
C ASN A 24 17.94 -4.59 4.10
N ALA A 25 18.35 -3.92 3.04
CA ALA A 25 18.73 -2.52 3.16
C ALA A 25 17.52 -1.66 3.55
N ILE A 26 16.37 -1.92 2.93
CA ILE A 26 15.14 -1.22 3.28
C ILE A 26 14.81 -1.48 4.75
N ALA A 27 14.90 -2.75 5.15
CA ALA A 27 14.53 -3.16 6.50
C ALA A 27 15.47 -2.56 7.55
N LEU A 28 16.76 -2.49 7.25
CA LEU A 28 17.72 -1.89 8.19
C LEU A 28 17.47 -0.40 8.35
N LYS A 29 17.13 0.28 7.25
CA LYS A 29 16.84 1.70 7.31
C LYS A 29 15.52 1.96 8.05
N LEU A 30 14.54 1.08 7.87
CA LEU A 30 13.29 1.18 8.62
C LEU A 30 13.56 1.10 10.13
N ARG A 31 14.44 0.21 10.52
CA ARG A 31 14.82 0.07 11.92
C ARG A 31 15.51 1.34 12.43
N GLU A 32 16.41 1.89 11.63
CA GLU A 32 17.19 3.06 12.02
C GLU A 32 16.35 4.34 12.14
N ASP A 33 15.45 4.58 11.18
CA ASP A 33 14.73 5.84 11.08
C ASP A 33 13.44 5.80 11.86
N ASP A 34 13.56 5.50 13.14
CA ASP A 34 12.39 5.28 13.98
C ASP A 34 11.66 6.55 14.43
N GLU A 35 12.27 7.73 14.26
CA GLU A 35 11.67 8.98 14.77
C GLU A 35 10.62 9.57 13.84
N TYR A 36 10.65 9.17 12.58
CA TYR A 36 9.77 9.74 11.58
C TYR A 36 8.29 9.69 11.98
N ASP A 37 7.61 10.80 11.74
CA ASP A 37 6.19 10.95 12.00
C ASP A 37 5.86 10.63 13.46
N ASN A 38 6.53 11.36 14.36
CA ASN A 38 6.37 11.18 15.80
C ASN A 38 6.44 9.72 16.23
N TYR A 39 7.49 9.07 15.74
CA TYR A 39 7.87 7.72 16.17
C TYR A 39 7.00 6.60 15.61
N ILE A 40 6.20 6.90 14.59
CA ILE A 40 5.55 5.83 13.83
C ILE A 40 6.58 5.06 12.99
N GLY A 41 7.56 5.76 12.46
CA GLY A 41 8.51 5.19 11.50
C GLY A 41 7.96 5.21 10.09
N TYR A 42 8.78 4.79 9.14
CA TYR A 42 8.47 4.86 7.72
C TYR A 42 7.64 3.71 7.17
N GLY A 43 7.33 2.70 7.98
CA GLY A 43 6.63 1.53 7.48
C GLY A 43 5.32 1.89 6.77
N PRO A 44 4.43 2.60 7.44
CA PRO A 44 3.14 2.94 6.82
C PRO A 44 3.27 3.74 5.52
N VAL A 45 4.10 4.75 5.47
CA VAL A 45 4.20 5.54 4.25
C VAL A 45 4.77 4.71 3.09
N LEU A 46 5.66 3.76 3.37
CA LEU A 46 6.15 2.86 2.31
C LEU A 46 5.05 1.95 1.79
N VAL A 47 4.17 1.48 2.65
CA VAL A 47 3.02 0.68 2.19
C VAL A 47 2.13 1.53 1.31
N ARG A 48 1.84 2.75 1.74
CA ARG A 48 1.00 3.65 0.95
C ARG A 48 1.64 3.96 -0.40
N LEU A 49 2.95 4.16 -0.44
CA LEU A 49 3.64 4.43 -1.69
C LEU A 49 3.47 3.26 -2.66
N ALA A 50 3.69 2.04 -2.18
CA ALA A 50 3.56 0.87 -3.02
C ALA A 50 2.15 0.74 -3.59
N TRP A 51 1.15 1.08 -2.78
CA TRP A 51 -0.23 1.10 -3.24
C TRP A 51 -0.52 2.19 -4.26
N HIS A 52 -0.07 3.42 -4.02
CA HIS A 52 -0.37 4.52 -4.92
C HIS A 52 0.32 4.41 -6.27
N ILE A 53 1.50 3.80 -6.32
CA ILE A 53 2.16 3.60 -7.60
C ILE A 53 1.49 2.48 -8.40
N SER A 54 0.78 1.60 -7.71
CA SER A 54 0.03 0.50 -8.33
C SER A 54 -1.39 0.89 -8.70
N GLY A 55 -2.00 1.75 -7.88
CA GLY A 55 -3.41 2.05 -7.98
C GLY A 55 -3.81 3.01 -9.08
N THR A 56 -2.84 3.52 -9.84
CA THR A 56 -3.13 4.27 -11.07
C THR A 56 -3.54 3.38 -12.23
N TRP A 57 -3.47 2.05 -12.06
CA TRP A 57 -3.77 1.13 -13.15
C TRP A 57 -5.19 1.24 -13.61
N ASP A 58 -5.38 1.10 -14.92
CA ASP A 58 -6.72 0.98 -15.48
C ASP A 58 -6.78 -0.35 -16.24
N LYS A 59 -7.58 -1.28 -15.74
CA LYS A 59 -7.66 -2.62 -16.33
C LYS A 59 -8.11 -2.61 -17.79
N HIS A 60 -8.83 -1.56 -18.20
CA HIS A 60 -9.40 -1.52 -19.55
C HIS A 60 -8.35 -1.35 -20.65
N ASP A 61 -7.32 -0.55 -20.39
CA ASP A 61 -6.30 -0.26 -21.42
C ASP A 61 -4.85 -0.48 -20.97
N ASN A 62 -4.68 -1.02 -19.76
CA ASN A 62 -3.36 -1.27 -19.17
C ASN A 62 -2.47 -0.04 -19.00
N THR A 63 -3.08 1.13 -18.87
CA THR A 63 -2.32 2.33 -18.54
C THR A 63 -2.08 2.38 -17.03
N GLY A 64 -1.12 3.17 -16.61
CA GLY A 64 -0.75 3.24 -15.21
C GLY A 64 -0.19 1.92 -14.72
N GLY A 65 -0.32 1.70 -13.41
CA GLY A 65 0.21 0.51 -12.76
C GLY A 65 1.66 0.64 -12.33
N SER A 66 2.12 -0.34 -11.57
CA SER A 66 3.47 -0.32 -10.99
C SER A 66 4.61 -0.52 -11.97
N TYR A 67 4.34 -1.13 -13.12
CA TYR A 67 5.39 -1.60 -14.00
C TYR A 67 6.42 -0.53 -14.37
N GLY A 68 5.94 0.64 -14.77
CA GLY A 68 6.79 1.65 -15.40
C GLY A 68 7.58 2.52 -14.46
N GLY A 69 7.31 2.45 -13.16
CA GLY A 69 8.03 3.27 -12.20
C GLY A 69 7.81 4.76 -12.37
N THR A 70 6.65 5.14 -12.86
CA THR A 70 6.42 6.52 -13.33
C THR A 70 6.24 7.53 -12.21
N TYR A 71 6.12 7.09 -10.96
CA TYR A 71 6.05 8.00 -9.83
C TYR A 71 7.30 8.88 -9.76
N ARG A 72 8.41 8.44 -10.35
CA ARG A 72 9.63 9.26 -10.41
C ARG A 72 9.47 10.55 -11.22
N PHE A 73 8.42 10.65 -12.02
CA PHE A 73 8.20 11.84 -12.85
C PHE A 73 7.26 12.82 -12.15
N LYS A 74 7.52 14.12 -12.36
CA LYS A 74 6.87 15.16 -11.58
C LYS A 74 5.34 15.16 -11.71
N LYS A 75 4.77 14.83 -12.87
CA LYS A 75 3.33 14.85 -12.97
C LYS A 75 2.73 13.97 -11.88
N GLU A 76 3.29 12.78 -11.71
CA GLU A 76 2.76 11.80 -10.77
C GLU A 76 3.19 12.10 -9.32
N PHE A 77 4.47 12.44 -9.12
CA PHE A 77 5.02 12.81 -7.81
C PHE A 77 4.21 13.99 -7.20
N ASN A 78 3.75 14.89 -8.06
CA ASN A 78 3.02 16.09 -7.62
C ASN A 78 1.51 15.92 -7.62
N ASP A 79 1.01 14.72 -7.90
CA ASP A 79 -0.43 14.45 -7.80
C ASP A 79 -0.88 14.85 -6.40
N PRO A 80 -1.90 15.71 -6.26
CA PRO A 80 -2.41 16.00 -4.91
C PRO A 80 -2.77 14.73 -4.11
N SER A 81 -3.22 13.68 -4.79
CA SER A 81 -3.52 12.41 -4.13
C SER A 81 -2.30 11.76 -3.47
N ASN A 82 -1.11 12.11 -3.96
CA ASN A 82 0.14 11.56 -3.46
C ASN A 82 0.85 12.44 -2.45
N ALA A 83 0.19 13.49 -1.95
CA ALA A 83 0.82 14.37 -0.98
C ALA A 83 1.27 13.59 0.25
N GLY A 84 2.54 13.74 0.60
CA GLY A 84 3.16 13.03 1.71
C GLY A 84 4.04 11.86 1.29
N LEU A 85 3.81 11.32 0.10
CA LEU A 85 4.56 10.15 -0.34
C LEU A 85 5.99 10.49 -0.68
N GLN A 86 6.28 11.77 -0.88
CA GLN A 86 7.65 12.21 -1.11
C GLN A 86 8.57 11.77 0.02
N ASN A 87 8.03 11.65 1.23
CA ASN A 87 8.80 11.14 2.36
C ASN A 87 9.27 9.70 2.13
N GLY A 88 8.39 8.87 1.60
CA GLY A 88 8.76 7.51 1.23
C GLY A 88 9.77 7.45 0.10
N PHE A 89 9.59 8.29 -0.92
CA PHE A 89 10.55 8.35 -2.02
C PHE A 89 11.95 8.72 -1.52
N LYS A 90 12.01 9.71 -0.64
CA LYS A 90 13.29 10.17 -0.10
C LYS A 90 13.96 9.09 0.74
N PHE A 91 13.17 8.34 1.50
CA PHE A 91 13.67 7.18 2.23
C PHE A 91 14.33 6.17 1.30
N LEU A 92 13.69 5.90 0.17
CA LEU A 92 14.19 4.89 -0.76
C LEU A 92 15.37 5.37 -1.60
N GLU A 93 15.63 6.67 -1.66
CA GLU A 93 16.73 7.18 -2.49
C GLU A 93 18.10 6.56 -2.17
N PRO A 94 18.53 6.53 -0.90
CA PRO A 94 19.83 5.88 -0.61
C PRO A 94 19.82 4.39 -0.93
N ILE A 95 18.66 3.75 -0.87
CA ILE A 95 18.56 2.34 -1.24
C ILE A 95 18.82 2.18 -2.74
N HIS A 96 18.21 3.04 -3.54
CA HIS A 96 18.40 2.96 -4.98
C HIS A 96 19.86 3.25 -5.33
N LYS A 97 20.50 4.18 -4.61
CA LYS A 97 21.93 4.47 -4.82
C LYS A 97 22.80 3.25 -4.53
N GLU A 98 22.46 2.48 -3.51
CA GLU A 98 23.22 1.30 -3.14
C GLU A 98 22.99 0.17 -4.13
N PHE A 99 21.80 0.14 -4.75
CA PHE A 99 21.44 -0.92 -5.69
C PHE A 99 20.90 -0.30 -6.98
N PRO A 100 21.76 0.37 -7.75
CA PRO A 100 21.26 1.10 -8.93
C PRO A 100 20.65 0.23 -10.03
N TRP A 101 20.95 -1.06 -9.98
CA TRP A 101 20.46 -2.00 -10.96
C TRP A 101 18.97 -2.30 -10.86
N ILE A 102 18.34 -2.04 -9.72
CA ILE A 102 16.92 -2.36 -9.58
C ILE A 102 16.06 -1.31 -10.27
N SER A 103 14.95 -1.72 -10.88
CA SER A 103 14.05 -0.76 -11.51
C SER A 103 13.28 0.03 -10.44
N SER A 104 12.75 1.18 -10.84
CA SER A 104 11.99 2.00 -9.91
C SER A 104 10.72 1.31 -9.42
N GLY A 105 9.97 0.69 -10.33
CA GLY A 105 8.75 0.01 -9.95
C GLY A 105 9.04 -1.18 -9.03
N ASP A 106 10.11 -1.92 -9.29
CA ASP A 106 10.51 -2.99 -8.38
C ASP A 106 10.87 -2.42 -7.00
N LEU A 107 11.60 -1.31 -6.96
CA LEU A 107 11.99 -0.73 -5.68
C LEU A 107 10.76 -0.25 -4.89
N PHE A 108 9.86 0.48 -5.53
CA PHE A 108 8.71 1.07 -4.82
C PHE A 108 7.81 -0.06 -4.29
N SER A 109 7.56 -1.06 -5.11
CA SER A 109 6.71 -2.15 -4.68
C SER A 109 7.39 -3.00 -3.60
N LEU A 110 8.69 -3.24 -3.74
CA LEU A 110 9.42 -4.01 -2.73
C LEU A 110 9.43 -3.27 -1.38
N GLY A 111 9.45 -1.94 -1.42
CA GLY A 111 9.40 -1.16 -0.20
C GLY A 111 8.14 -1.48 0.61
N GLY A 112 7.02 -1.62 -0.07
CA GLY A 112 5.76 -1.92 0.60
C GLY A 112 5.75 -3.33 1.19
N VAL A 113 6.26 -4.30 0.43
CA VAL A 113 6.38 -5.68 0.91
C VAL A 113 7.26 -5.75 2.15
N THR A 114 8.42 -5.09 2.06
CA THR A 114 9.37 -5.08 3.16
C THR A 114 8.75 -4.48 4.41
N ALA A 115 8.07 -3.36 4.26
CA ALA A 115 7.40 -2.71 5.37
C ALA A 115 6.37 -3.60 6.04
N VAL A 116 5.50 -4.24 5.28
CA VAL A 116 4.48 -5.12 5.86
C VAL A 116 5.16 -6.23 6.68
N GLN A 117 6.16 -6.87 6.09
CA GLN A 117 6.80 -8.00 6.78
C GLN A 117 7.56 -7.55 8.03
N GLU A 118 8.27 -6.43 7.94
CA GLU A 118 9.06 -5.95 9.08
C GLU A 118 8.17 -5.41 10.19
N MET A 119 6.93 -5.03 9.86
CA MET A 119 5.94 -4.67 10.86
C MET A 119 5.14 -5.88 11.37
N GLN A 120 5.67 -7.08 11.16
CA GLN A 120 5.13 -8.34 11.70
C GLN A 120 3.85 -8.79 11.01
N GLY A 121 3.67 -8.31 9.78
CA GLY A 121 2.58 -8.74 8.93
C GLY A 121 2.85 -10.07 8.25
N PRO A 122 1.95 -10.48 7.37
CA PRO A 122 2.13 -11.71 6.63
C PRO A 122 3.29 -11.62 5.65
N LYS A 123 3.85 -12.77 5.28
CA LYS A 123 4.71 -12.81 4.11
C LYS A 123 3.90 -12.42 2.87
N ILE A 124 4.47 -11.56 2.04
CA ILE A 124 3.86 -11.21 0.77
C ILE A 124 4.81 -11.67 -0.35
N PRO A 125 4.44 -12.68 -1.14
CA PRO A 125 5.28 -13.06 -2.27
C PRO A 125 5.43 -11.88 -3.21
N TRP A 126 6.61 -11.76 -3.80
CA TRP A 126 6.93 -10.60 -4.62
C TRP A 126 7.70 -11.07 -5.84
N ARG A 127 7.41 -10.47 -6.99
CA ARG A 127 8.05 -10.83 -8.24
C ARG A 127 8.78 -9.63 -8.80
N CYS A 128 9.97 -9.86 -9.33
CA CYS A 128 10.74 -8.82 -9.99
C CYS A 128 10.39 -8.71 -11.47
N GLY A 129 10.93 -7.67 -12.10
CA GLY A 129 10.85 -7.53 -13.54
C GLY A 129 10.07 -6.36 -14.09
N ARG A 130 9.61 -5.45 -13.23
CA ARG A 130 9.08 -4.18 -13.69
C ARG A 130 10.20 -3.43 -14.40
N VAL A 131 9.87 -2.75 -15.50
CA VAL A 131 10.87 -2.04 -16.31
C VAL A 131 10.47 -0.57 -16.43
N ASP A 132 11.40 0.32 -16.11
CA ASP A 132 11.14 1.75 -16.18
C ASP A 132 10.68 2.13 -17.60
N THR A 133 9.61 2.91 -17.69
CA THR A 133 9.12 3.43 -18.96
C THR A 133 9.24 4.96 -18.94
N PRO A 134 9.23 5.59 -20.12
CA PRO A 134 9.49 7.03 -20.22
C PRO A 134 8.41 7.96 -19.65
N GLU A 135 8.76 9.22 -19.54
CA GLU A 135 7.92 10.23 -18.91
C GLU A 135 6.54 10.35 -19.54
N ASP A 136 6.44 10.16 -20.86
CA ASP A 136 5.15 10.27 -21.52
C ASP A 136 4.18 9.11 -21.23
N THR A 137 4.63 8.09 -20.50
CA THR A 137 3.76 6.98 -20.06
C THR A 137 3.18 7.22 -18.67
N THR A 138 3.53 8.32 -18.05
CA THR A 138 3.04 8.67 -16.72
C THR A 138 1.54 8.91 -16.79
N PRO A 139 0.74 8.25 -15.95
CA PRO A 139 -0.69 8.48 -15.96
C PRO A 139 -1.04 9.86 -15.42
N ASP A 140 -2.09 10.46 -15.96
CA ASP A 140 -2.60 11.72 -15.44
C ASP A 140 -3.10 11.54 -14.02
N ASN A 141 -3.08 12.64 -13.28
CA ASN A 141 -3.67 12.69 -11.96
C ASN A 141 -5.17 12.37 -12.00
N GLY A 142 -5.69 11.89 -10.87
CA GLY A 142 -7.12 11.69 -10.72
C GLY A 142 -7.57 10.25 -10.75
N ARG A 143 -6.62 9.32 -10.81
CA ARG A 143 -6.94 7.89 -10.82
C ARG A 143 -6.96 7.25 -9.44
N LEU A 144 -6.48 7.95 -8.42
CA LEU A 144 -6.50 7.43 -7.04
C LEU A 144 -7.78 7.91 -6.34
N PRO A 145 -8.22 7.18 -5.33
CA PRO A 145 -9.58 7.38 -4.81
C PRO A 145 -9.76 8.54 -3.84
N ASP A 146 -10.96 9.11 -3.85
CA ASP A 146 -11.40 10.10 -2.88
C ASP A 146 -11.84 9.40 -1.60
N ALA A 147 -11.68 10.07 -0.46
CA ALA A 147 -12.02 9.49 0.85
C ALA A 147 -13.34 9.96 1.41
N ASP A 148 -13.98 10.92 0.74
CA ASP A 148 -15.23 11.50 1.25
C ASP A 148 -16.51 10.74 0.86
N LYS A 149 -16.35 9.61 0.19
CA LYS A 149 -17.41 8.92 -0.53
C LYS A 149 -17.94 7.72 0.24
N ASP A 150 -18.88 7.03 -0.39
CA ASP A 150 -19.61 5.92 0.23
C ASP A 150 -19.19 4.55 -0.35
N ALA A 151 -19.84 3.49 0.10
CA ALA A 151 -19.47 2.13 -0.28
C ALA A 151 -19.61 1.88 -1.76
N GLY A 152 -20.65 2.44 -2.39
CA GLY A 152 -20.86 2.25 -3.81
C GLY A 152 -19.70 2.84 -4.61
N TYR A 153 -19.20 3.99 -4.17
CA TYR A 153 -18.04 4.59 -4.79
C TYR A 153 -16.80 3.70 -4.64
N VAL A 154 -16.60 3.15 -3.45
CA VAL A 154 -15.45 2.29 -3.18
C VAL A 154 -15.49 1.05 -4.09
N ARG A 155 -16.65 0.41 -4.16
CA ARG A 155 -16.81 -0.79 -4.98
C ARG A 155 -16.53 -0.50 -6.45
N THR A 156 -17.10 0.58 -6.96
CA THR A 156 -16.89 0.96 -8.35
C THR A 156 -15.43 1.32 -8.62
N PHE A 157 -14.81 2.06 -7.70
CA PHE A 157 -13.43 2.44 -7.87
C PHE A 157 -12.55 1.20 -8.00
N PHE A 158 -12.70 0.27 -7.06
CA PHE A 158 -11.82 -0.88 -7.02
C PHE A 158 -12.04 -1.87 -8.14
N GLN A 159 -13.22 -1.82 -8.76
CA GLN A 159 -13.42 -2.64 -9.96
C GLN A 159 -12.49 -2.24 -11.10
N ARG A 160 -12.06 -0.98 -11.16
CA ARG A 160 -11.10 -0.54 -12.18
C ARG A 160 -9.76 -1.27 -12.00
N LEU A 161 -9.48 -1.70 -10.77
CA LEU A 161 -8.26 -2.46 -10.42
C LEU A 161 -8.52 -3.97 -10.36
N ASN A 162 -9.66 -4.40 -10.88
CA ASN A 162 -10.05 -5.80 -10.90
C ASN A 162 -10.14 -6.42 -9.50
N MET A 163 -10.53 -5.62 -8.51
CA MET A 163 -10.67 -6.10 -7.13
C MET A 163 -12.15 -6.26 -6.77
N ASN A 164 -12.45 -7.37 -6.10
CA ASN A 164 -13.81 -7.69 -5.66
C ASN A 164 -14.01 -7.34 -4.18
N ASP A 165 -15.18 -7.64 -3.63
CA ASP A 165 -15.50 -7.16 -2.29
C ASP A 165 -14.49 -7.65 -1.25
N ARG A 166 -14.14 -8.94 -1.30
CA ARG A 166 -13.22 -9.50 -0.31
C ARG A 166 -11.85 -8.84 -0.41
N GLU A 167 -11.39 -8.62 -1.64
CA GLU A 167 -10.10 -7.96 -1.87
C GLU A 167 -10.10 -6.52 -1.38
N VAL A 168 -11.21 -5.83 -1.59
CA VAL A 168 -11.35 -4.45 -1.12
C VAL A 168 -11.26 -4.38 0.40
N VAL A 169 -12.05 -5.19 1.08
CA VAL A 169 -12.10 -5.14 2.51
C VAL A 169 -10.74 -5.55 3.10
N ALA A 170 -10.11 -6.57 2.51
CA ALA A 170 -8.80 -7.01 2.96
C ALA A 170 -7.75 -5.90 2.77
N LEU A 171 -7.72 -5.29 1.59
CA LEU A 171 -6.72 -4.26 1.34
C LEU A 171 -6.88 -3.08 2.29
N MET A 172 -8.12 -2.70 2.59
CA MET A 172 -8.37 -1.55 3.45
C MET A 172 -7.84 -1.75 4.86
N GLY A 173 -7.64 -2.99 5.26
CA GLY A 173 -7.05 -3.28 6.56
C GLY A 173 -5.69 -2.69 6.78
N ALA A 174 -5.00 -2.32 5.69
CA ALA A 174 -3.75 -1.59 5.79
C ALA A 174 -3.90 -0.26 6.53
N HIS A 175 -5.13 0.27 6.61
CA HIS A 175 -5.39 1.50 7.36
C HIS A 175 -5.22 1.33 8.87
N ALA A 176 -4.98 0.11 9.36
CA ALA A 176 -4.49 -0.02 10.73
C ALA A 176 -3.19 0.77 10.92
N LEU A 177 -2.41 0.87 9.85
CA LEU A 177 -1.11 1.52 9.87
C LEU A 177 -1.17 3.04 9.77
N GLY A 178 -0.20 3.70 10.38
CA GLY A 178 0.01 5.10 10.15
C GLY A 178 -1.13 5.96 10.66
N LYS A 179 -1.39 7.02 9.92
CA LYS A 179 -2.43 7.97 10.27
C LYS A 179 -2.75 8.85 9.09
N THR A 180 -3.88 9.56 9.20
CA THR A 180 -4.17 10.67 8.32
C THR A 180 -3.52 11.93 8.89
N HIS A 181 -3.05 12.77 7.99
CA HIS A 181 -2.38 14.02 8.32
C HIS A 181 -3.12 15.17 7.64
N LEU A 182 -3.58 16.14 8.42
CA LEU A 182 -4.45 17.18 7.87
C LEU A 182 -3.84 17.91 6.67
N LYS A 183 -2.55 18.22 6.74
CA LYS A 183 -1.86 18.94 5.66
C LYS A 183 -1.70 18.14 4.37
N ASN A 184 -1.69 16.82 4.47
CA ASN A 184 -1.63 15.96 3.29
C ASN A 184 -2.98 15.78 2.59
N SER A 185 -4.00 15.40 3.36
CA SER A 185 -5.24 14.87 2.81
C SER A 185 -6.51 15.55 3.28
N GLY A 186 -6.40 16.47 4.25
CA GLY A 186 -7.57 17.10 4.84
C GLY A 186 -8.30 16.23 5.83
N TYR A 187 -7.62 15.20 6.34
CA TYR A 187 -8.12 14.33 7.40
C TYR A 187 -7.04 14.20 8.47
N GLU A 188 -7.43 14.06 9.74
CA GLU A 188 -6.45 13.98 10.81
C GLU A 188 -6.74 12.88 11.82
N GLY A 189 -5.73 12.04 12.09
CA GLY A 189 -5.76 11.13 13.21
C GLY A 189 -5.41 9.71 12.85
N PRO A 190 -4.98 8.93 13.84
CA PRO A 190 -4.73 7.50 13.67
C PRO A 190 -6.04 6.72 13.78
N GLY A 191 -6.05 5.47 13.37
CA GLY A 191 -7.21 4.61 13.52
C GLY A 191 -7.23 3.71 14.74
N GLY A 192 -6.15 3.73 15.51
CA GLY A 192 -5.99 2.83 16.63
C GLY A 192 -4.66 3.06 17.31
N ALA A 193 -4.43 2.28 18.36
CA ALA A 193 -3.19 2.32 19.14
C ALA A 193 -2.00 1.61 18.48
N ALA A 194 -2.27 0.56 17.72
CA ALA A 194 -1.23 -0.24 17.08
C ALA A 194 -1.15 0.16 15.62
N ASN A 195 -0.42 1.22 15.35
CA ASN A 195 -0.33 1.75 13.99
C ASN A 195 1.06 1.66 13.33
N ASN A 196 2.00 0.92 13.93
CA ASN A 196 3.19 0.50 13.18
C ASN A 196 3.50 -0.99 13.38
N VAL A 197 2.49 -1.74 13.77
CA VAL A 197 2.53 -3.19 13.75
C VAL A 197 1.30 -3.63 12.94
N PHE A 198 1.49 -4.59 12.05
CA PHE A 198 0.43 -5.01 11.14
C PHE A 198 -0.47 -6.05 11.82
N THR A 199 -1.72 -5.66 12.09
CA THR A 199 -2.71 -6.53 12.74
C THR A 199 -4.07 -6.29 12.10
N ASN A 200 -5.07 -7.01 12.57
CA ASN A 200 -6.47 -6.80 12.19
C ASN A 200 -7.20 -5.69 12.98
N GLU A 201 -6.45 -4.76 13.55
CA GLU A 201 -7.04 -3.71 14.38
C GLU A 201 -8.05 -2.83 13.66
N PHE A 202 -7.86 -2.60 12.37
CA PHE A 202 -8.81 -1.79 11.60
C PHE A 202 -10.25 -2.29 11.77
N TYR A 203 -10.40 -3.61 11.63
CA TYR A 203 -11.71 -4.23 11.67
C TYR A 203 -12.28 -4.24 13.10
N LEU A 204 -11.41 -4.56 14.06
CA LEU A 204 -11.83 -4.56 15.46
C LEU A 204 -12.30 -3.18 15.86
N ASN A 205 -11.55 -2.14 15.50
CA ASN A 205 -11.92 -0.78 15.88
C ASN A 205 -13.15 -0.27 15.15
N LEU A 206 -13.30 -0.63 13.88
CA LEU A 206 -14.53 -0.29 13.16
C LEU A 206 -15.75 -0.81 13.92
N LEU A 207 -15.69 -2.05 14.41
CA LEU A 207 -16.84 -2.67 15.05
C LEU A 207 -17.03 -2.30 16.52
N ASN A 208 -15.94 -2.02 17.22
CA ASN A 208 -15.98 -1.95 18.69
C ASN A 208 -15.96 -0.54 19.26
N GLU A 209 -15.48 0.44 18.50
CA GLU A 209 -15.44 1.83 18.97
C GLU A 209 -16.81 2.48 18.76
N ASP A 210 -17.05 3.52 19.54
CA ASP A 210 -18.25 4.35 19.41
C ASP A 210 -17.87 5.57 18.58
N TRP A 211 -18.24 5.52 17.30
CA TRP A 211 -17.84 6.52 16.32
C TRP A 211 -18.86 7.65 16.24
N LYS A 212 -18.36 8.88 16.25
CA LYS A 212 -19.19 10.07 16.11
C LYS A 212 -18.76 10.89 14.89
N LEU A 213 -19.73 11.19 14.03
CA LEU A 213 -19.46 11.99 12.84
C LEU A 213 -19.22 13.44 13.26
N GLU A 214 -18.09 13.99 12.84
CA GLU A 214 -17.66 15.35 13.17
C GLU A 214 -17.01 15.99 11.97
N LYS A 215 -16.98 17.32 11.91
CA LYS A 215 -16.08 17.99 11.00
C LYS A 215 -14.71 18.16 11.64
N ASN A 216 -13.68 18.18 10.82
CA ASN A 216 -12.30 18.35 11.29
C ASN A 216 -11.87 19.79 11.01
N ASP A 217 -10.62 20.12 11.29
CA ASP A 217 -10.14 21.50 11.14
C ASP A 217 -10.01 21.95 9.68
N ALA A 218 -10.10 21.02 8.72
CA ALA A 218 -10.16 21.34 7.30
C ALA A 218 -11.60 21.37 6.77
N ASN A 219 -12.58 21.33 7.68
CA ASN A 219 -14.00 21.38 7.33
C ASN A 219 -14.53 20.12 6.65
N ASN A 220 -13.81 19.00 6.77
CA ASN A 220 -14.24 17.72 6.19
C ASN A 220 -14.82 16.81 7.24
N GLU A 221 -15.83 16.04 6.88
CA GLU A 221 -16.43 15.10 7.81
C GLU A 221 -15.55 13.86 7.96
N GLN A 222 -15.41 13.40 9.20
CA GLN A 222 -14.76 12.14 9.53
C GLN A 222 -15.40 11.57 10.80
N TRP A 223 -15.16 10.30 11.06
CA TRP A 223 -15.76 9.60 12.19
C TRP A 223 -14.71 9.47 13.29
N ASP A 224 -15.02 9.96 14.49
CA ASP A 224 -14.05 10.09 15.57
C ASP A 224 -14.52 9.31 16.79
N SER A 225 -13.59 8.70 17.51
CA SER A 225 -13.93 8.00 18.75
C SER A 225 -13.36 8.77 19.95
N LYS A 226 -13.96 8.53 21.12
CA LYS A 226 -13.47 9.09 22.39
C LYS A 226 -12.03 8.69 22.69
N SER A 227 -11.61 7.54 22.15
CA SER A 227 -10.25 7.05 22.33
C SER A 227 -9.22 7.84 21.56
N GLY A 228 -9.65 8.76 20.70
CA GLY A 228 -8.75 9.56 19.89
C GLY A 228 -8.42 8.93 18.54
N TYR A 229 -9.29 8.04 18.06
CA TYR A 229 -9.10 7.41 16.74
C TYR A 229 -10.07 8.02 15.74
N MET A 230 -9.79 7.79 14.46
CA MET A 230 -10.67 8.24 13.39
C MET A 230 -10.78 7.21 12.30
N MET A 231 -11.89 7.33 11.57
CA MET A 231 -12.15 6.60 10.34
C MET A 231 -12.57 7.57 9.26
N LEU A 232 -12.02 7.38 8.06
CA LEU A 232 -12.46 8.14 6.89
C LEU A 232 -13.87 7.74 6.53
N PRO A 233 -14.62 8.60 5.85
CA PRO A 233 -15.91 8.14 5.33
C PRO A 233 -15.83 6.85 4.52
N THR A 234 -14.79 6.67 3.71
CA THR A 234 -14.63 5.42 2.97
C THR A 234 -14.27 4.23 3.86
N ASP A 235 -13.57 4.46 4.97
CA ASP A 235 -13.35 3.40 5.98
C ASP A 235 -14.70 2.97 6.56
N TYR A 236 -15.46 3.96 7.04
CA TYR A 236 -16.73 3.72 7.71
C TYR A 236 -17.75 3.06 6.78
N SER A 237 -17.60 3.28 5.47
CA SER A 237 -18.53 2.68 4.50
C SER A 237 -18.49 1.17 4.55
N LEU A 238 -17.38 0.60 5.00
CA LEU A 238 -17.25 -0.84 5.09
C LEU A 238 -18.13 -1.48 6.16
N ILE A 239 -18.64 -0.70 7.12
CA ILE A 239 -19.65 -1.23 8.05
C ILE A 239 -21.07 -0.75 7.74
N GLN A 240 -21.20 0.13 6.74
CA GLN A 240 -22.51 0.58 6.26
C GLN A 240 -23.08 -0.35 5.20
N ASP A 241 -22.26 -0.84 4.29
CA ASP A 241 -22.67 -1.76 3.25
C ASP A 241 -22.79 -3.17 3.81
N PRO A 242 -23.92 -3.86 3.65
CA PRO A 242 -24.07 -5.18 4.27
C PRO A 242 -23.06 -6.22 3.80
N LYS A 243 -22.66 -6.20 2.53
CA LYS A 243 -21.68 -7.18 2.05
C LYS A 243 -20.30 -6.92 2.65
N TYR A 244 -19.90 -5.65 2.68
CA TYR A 244 -18.62 -5.31 3.31
C TYR A 244 -18.64 -5.63 4.81
N LEU A 245 -19.75 -5.34 5.48
CA LEU A 245 -19.83 -5.55 6.92
C LEU A 245 -19.60 -7.01 7.27
N SER A 246 -20.14 -7.92 6.49
CA SER A 246 -19.96 -9.35 6.75
C SER A 246 -18.48 -9.71 6.74
N ILE A 247 -17.73 -9.16 5.78
CA ILE A 247 -16.32 -9.46 5.66
C ILE A 247 -15.49 -8.79 6.77
N VAL A 248 -15.86 -7.57 7.14
CA VAL A 248 -15.23 -6.88 8.26
C VAL A 248 -15.33 -7.74 9.54
N LYS A 249 -16.51 -8.30 9.79
CA LYS A 249 -16.70 -9.16 10.97
C LYS A 249 -15.81 -10.40 10.88
N GLU A 250 -15.69 -10.97 9.69
CA GLU A 250 -14.84 -12.14 9.49
C GLU A 250 -13.38 -11.87 9.88
N TYR A 251 -12.86 -10.74 9.41
CA TYR A 251 -11.47 -10.39 9.68
C TYR A 251 -11.25 -9.91 11.10
N ALA A 252 -12.24 -9.26 11.69
CA ALA A 252 -12.17 -8.88 13.11
C ALA A 252 -12.06 -10.14 13.97
N ASN A 253 -12.75 -11.20 13.57
CA ASN A 253 -12.75 -12.45 14.33
C ASN A 253 -11.53 -13.35 14.06
N ASP A 254 -10.86 -13.15 12.93
CA ASP A 254 -9.83 -14.09 12.49
C ASP A 254 -8.70 -13.37 11.76
N GLN A 255 -7.67 -13.00 12.51
CA GLN A 255 -6.53 -12.30 11.93
C GLN A 255 -5.78 -13.15 10.93
N ASP A 256 -5.72 -14.46 11.13
CA ASP A 256 -5.02 -15.35 10.20
C ASP A 256 -5.65 -15.26 8.81
N LYS A 257 -6.97 -15.23 8.75
CA LYS A 257 -7.70 -15.18 7.49
C LYS A 257 -7.47 -13.82 6.82
N PHE A 258 -7.50 -12.75 7.61
CA PHE A 258 -7.17 -11.42 7.11
C PHE A 258 -5.76 -11.41 6.50
N PHE A 259 -4.78 -11.96 7.21
CA PHE A 259 -3.41 -12.00 6.72
C PHE A 259 -3.31 -12.72 5.37
N LYS A 260 -3.97 -13.86 5.25
CA LYS A 260 -3.94 -14.67 4.05
C LYS A 260 -4.55 -13.88 2.88
N ASP A 261 -5.72 -13.30 3.12
CA ASP A 261 -6.41 -12.55 2.06
C ASP A 261 -5.70 -11.25 1.70
N PHE A 262 -5.13 -10.57 2.68
CA PHE A 262 -4.37 -9.35 2.43
C PHE A 262 -3.15 -9.66 1.57
N SER A 263 -2.42 -10.72 1.94
CA SER A 263 -1.22 -11.05 1.22
C SER A 263 -1.51 -11.30 -0.26
N LYS A 264 -2.58 -12.03 -0.56
CA LYS A 264 -2.97 -12.32 -1.93
C LYS A 264 -3.38 -11.04 -2.67
N ALA A 265 -4.20 -10.22 -2.01
CA ALA A 265 -4.73 -9.03 -2.66
C ALA A 265 -3.63 -8.01 -2.90
N PHE A 266 -2.70 -7.89 -1.96
CA PHE A 266 -1.62 -6.91 -2.09
C PHE A 266 -0.65 -7.33 -3.18
N GLU A 267 -0.31 -8.62 -3.25
CA GLU A 267 0.51 -9.08 -4.36
C GLU A 267 -0.20 -8.78 -5.70
N LYS A 268 -1.48 -9.10 -5.77
CA LYS A 268 -2.25 -8.86 -7.00
C LYS A 268 -2.22 -7.38 -7.38
N LEU A 269 -2.44 -6.52 -6.40
CA LEU A 269 -2.42 -5.08 -6.61
C LEU A 269 -1.08 -4.63 -7.22
N LEU A 270 0.01 -5.13 -6.64
CA LEU A 270 1.36 -4.75 -7.06
C LEU A 270 1.75 -5.33 -8.41
N GLU A 271 1.01 -6.35 -8.86
CA GLU A 271 1.30 -7.04 -10.12
C GLU A 271 0.31 -6.72 -11.24
N ASN A 272 -0.76 -6.00 -10.94
CA ASN A 272 -1.74 -5.67 -11.96
C ASN A 272 -1.03 -5.01 -13.14
N GLY A 273 -1.39 -5.45 -14.34
CA GLY A 273 -0.85 -4.91 -15.58
C GLY A 273 0.37 -5.62 -16.11
N ILE A 274 0.95 -6.52 -15.33
CA ILE A 274 2.21 -7.17 -15.67
C ILE A 274 1.93 -8.61 -16.09
N THR A 275 2.49 -8.98 -17.23
CA THR A 275 2.48 -10.36 -17.71
C THR A 275 3.79 -11.01 -17.33
N PHE A 276 3.72 -12.09 -16.56
CA PHE A 276 4.89 -12.85 -16.16
C PHE A 276 5.04 -14.02 -17.12
N PRO A 277 6.14 -14.07 -17.88
CA PRO A 277 6.32 -15.18 -18.83
C PRO A 277 6.48 -16.52 -18.11
N LYS A 278 6.32 -17.63 -18.81
CA LYS A 278 6.32 -18.93 -18.13
C LYS A 278 7.66 -19.36 -17.55
N ASP A 279 8.76 -18.87 -18.12
CA ASP A 279 10.08 -19.15 -17.55
C ASP A 279 10.49 -18.12 -16.49
N ALA A 280 9.58 -17.22 -16.12
CA ALA A 280 9.89 -16.27 -15.07
C ALA A 280 10.15 -17.02 -13.78
N PRO A 281 11.01 -16.48 -12.92
CA PRO A 281 11.20 -17.07 -11.60
C PRO A 281 9.87 -17.15 -10.86
N SER A 282 9.72 -18.15 -10.00
CA SER A 282 8.60 -18.18 -9.08
C SER A 282 8.66 -16.93 -8.16
N PRO A 283 7.52 -16.53 -7.60
CA PRO A 283 7.54 -15.42 -6.65
C PRO A 283 8.52 -15.66 -5.51
N PHE A 284 9.19 -14.60 -5.11
CA PHE A 284 10.14 -14.62 -4.01
C PHE A 284 9.43 -14.38 -2.68
N ILE A 285 9.83 -15.12 -1.65
CA ILE A 285 9.39 -14.84 -0.29
C ILE A 285 10.65 -14.49 0.49
N PHE A 286 10.77 -13.22 0.82
CA PHE A 286 11.95 -12.72 1.51
C PHE A 286 11.88 -13.04 2.99
N LYS A 287 13.04 -13.41 3.52
CA LYS A 287 13.22 -13.56 4.94
C LYS A 287 13.23 -12.19 5.61
N THR A 288 12.64 -12.10 6.79
CA THR A 288 12.77 -10.88 7.59
C THR A 288 14.20 -10.75 8.12
N LEU A 289 14.53 -9.56 8.61
CA LEU A 289 15.82 -9.43 9.27
C LEU A 289 15.93 -10.40 10.44
N GLU A 290 14.85 -10.53 11.20
CA GLU A 290 14.82 -11.43 12.36
C GLU A 290 15.12 -12.88 11.94
N GLU A 291 14.52 -13.33 10.85
CA GLU A 291 14.76 -14.70 10.34
C GLU A 291 16.22 -14.94 9.93
N GLN A 292 16.92 -13.88 9.57
CA GLN A 292 18.31 -13.97 9.13
C GLN A 292 19.31 -13.68 10.26
N GLY A 293 18.84 -13.29 11.44
CA GLY A 293 19.72 -12.88 12.52
C GLY A 293 20.42 -11.56 12.30
N LEU A 294 19.80 -10.66 11.53
CA LEU A 294 20.38 -9.36 11.21
C LEU A 294 19.67 -8.23 11.94
CHA HEM B . -3.36 6.74 4.36
CHB HEM B . -7.34 7.19 1.66
CHC HEM B . -6.90 2.58 0.26
CHD HEM B . -2.73 2.21 2.66
C1A HEM B . -4.45 7.25 3.73
C2A HEM B . -4.92 8.61 3.86
C3A HEM B . -6.03 8.74 3.13
C4A HEM B . -6.28 7.47 2.49
CMA HEM B . -6.90 9.99 2.91
CAA HEM B . -4.20 9.68 4.70
CBA HEM B . -3.02 10.27 3.91
CGA HEM B . -2.32 11.32 4.75
O1A HEM B . -3.03 12.23 5.23
O2A HEM B . -1.08 11.22 4.96
C1B HEM B . -7.60 5.97 1.07
C2B HEM B . -8.74 5.65 0.27
C3B HEM B . -8.64 4.36 -0.11
C4B HEM B . -7.39 3.85 0.44
CMB HEM B . -9.86 6.65 -0.04
CAB HEM B . -9.59 3.53 -0.98
CBB HEM B . -10.91 3.73 -1.00
C1C HEM B . -5.68 2.13 0.71
C2C HEM B . -5.08 0.87 0.36
C3C HEM B . -3.91 0.76 1.01
C4C HEM B . -3.75 1.95 1.81
CMC HEM B . -5.67 -0.12 -0.66
CAC HEM B . -2.85 -0.35 0.96
CBC HEM B . -3.14 -1.65 0.92
C1D HEM B . -2.59 3.35 3.41
C2D HEM B . -1.60 3.53 4.44
C3D HEM B . -1.80 4.91 4.97
C4D HEM B . -2.89 5.46 4.20
CMD HEM B . -0.61 2.50 4.92
CAD HEM B . -0.99 5.57 6.09
CBD HEM B . 0.11 6.46 5.49
CGD HEM B . 0.91 7.23 6.52
O1D HEM B . 1.76 8.06 6.09
O2D HEM B . 0.70 7.05 7.74
NA HEM B . -5.29 6.59 2.86
NB HEM B . -6.81 4.85 1.19
NC HEM B . -4.83 2.78 1.56
ND HEM B . -3.32 4.60 3.24
FE HEM B . -5.11 4.64 2.30
C1 BVC C . -5.96 5.91 6.65
S2 BVC C . -4.52 5.51 7.41
C3 BVC C . -5.31 5.51 8.87
C4 BVC C . -6.61 5.80 8.77
C5 BVC C . -6.98 6.03 7.48
C6 BVC C . -7.51 5.90 9.97
N7 BVC C . -7.02 5.03 11.00
#